data_5U78
#
_entry.id   5U78
#
_cell.length_a   52.170
_cell.length_b   66.350
_cell.length_c   79.549
_cell.angle_alpha   90.00
_cell.angle_beta   94.67
_cell.angle_gamma   90.00
#
_symmetry.space_group_name_H-M   'P 1 21 1'
#
loop_
_entity.id
_entity.type
_entity.pdbx_description
1 polymer 'Oxysterol-binding protein-related protein 8'
2 water water
#
_entity_poly.entity_id   1
_entity_poly.type   'polypeptide(L)'
_entity_poly.pdbx_seq_one_letter_code
;GSSGIVMADWLKIRGTLKSWTKLWCVLKPGVLLIYKTQKNGQWVGTVLLNACEIIERPSKKDGFCFKLFHPLEQSIWAVK
GPKGEAVGSITQPLPSSYLIIRATSESDGRCWMDALELALKSG
;
_entity_poly.pdbx_strand_id   A,B,C,D
#
# COMPACT_ATOMS: atom_id res chain seq x y z
N SER A 2 1.84 -31.64 29.33
CA SER A 2 3.25 -31.98 29.23
C SER A 2 3.86 -31.27 28.03
N SER A 3 3.01 -30.84 27.11
CA SER A 3 3.44 -30.30 25.83
C SER A 3 4.30 -29.07 25.98
N GLY A 4 3.97 -28.23 26.94
CA GLY A 4 4.67 -26.96 27.08
C GLY A 4 4.08 -25.89 26.18
N ILE A 5 2.95 -26.19 25.57
CA ILE A 5 2.36 -25.24 24.67
C ILE A 5 1.64 -24.18 25.49
N VAL A 6 2.21 -22.98 25.52
CA VAL A 6 1.59 -21.84 26.16
C VAL A 6 0.35 -21.35 25.44
N MET A 7 0.44 -21.21 24.12
CA MET A 7 -0.69 -20.79 23.30
C MET A 7 -0.68 -21.41 21.91
N ALA A 8 -1.86 -21.72 21.38
CA ALA A 8 -2.00 -22.07 19.97
C ALA A 8 -3.30 -21.54 19.34
N ASP A 9 -3.20 -20.74 18.29
CA ASP A 9 -4.36 -20.27 17.54
C ASP A 9 -3.98 -19.76 16.14
N TRP A 10 -4.98 -19.55 15.28
CA TRP A 10 -4.74 -18.95 13.99
C TRP A 10 -4.33 -17.51 14.13
N LEU A 11 -3.31 -17.11 13.41
CA LEU A 11 -2.93 -15.72 13.33
C LEU A 11 -2.74 -15.38 11.87
N LYS A 12 -2.91 -14.13 11.52
CA LYS A 12 -2.68 -13.73 10.15
C LYS A 12 -1.33 -13.05 10.10
N ILE A 13 -0.49 -13.52 9.19
CA ILE A 13 0.85 -12.98 9.08
C ILE A 13 1.03 -12.23 7.78
N ARG A 14 1.46 -10.98 7.86
CA ARG A 14 1.65 -10.20 6.68
C ARG A 14 2.93 -10.68 6.04
N GLY A 15 2.84 -11.06 4.78
CA GLY A 15 4.04 -11.39 4.01
C GLY A 15 4.62 -10.09 3.55
N THR A 16 5.76 -10.17 2.86
CA THR A 16 6.32 -9.05 2.15
C THR A 16 5.34 -8.65 1.06
N LEU A 17 4.54 -9.63 0.65
CA LEU A 17 3.55 -9.49 -0.41
C LEU A 17 2.17 -9.11 0.15
N LYS A 18 2.13 -8.81 1.44
CA LYS A 18 0.93 -8.21 2.06
C LYS A 18 -0.26 -9.07 1.75
N SER A 19 -0.05 -10.37 1.76
CA SER A 19 -1.12 -11.33 1.54
C SER A 19 -1.84 -11.78 2.82
N TRP A 20 -1.26 -11.47 3.98
CA TRP A 20 -1.95 -11.73 5.23
C TRP A 20 -2.45 -13.15 5.33
N THR A 21 -1.59 -14.11 5.13
CA THR A 21 -1.99 -15.52 5.19
C THR A 21 -2.39 -15.95 6.59
N LYS A 22 -3.45 -16.73 6.70
CA LYS A 22 -3.81 -17.32 7.98
C LYS A 22 -2.96 -18.58 8.19
N LEU A 23 -2.23 -18.61 9.30
CA LEU A 23 -1.36 -19.74 9.62
C LEU A 23 -1.59 -20.21 11.06
N TRP A 24 -1.31 -21.46 11.35
CA TRP A 24 -1.53 -22.01 12.67
C TRP A 24 -0.30 -21.78 13.48
N CYS A 25 -0.44 -21.03 14.58
CA CYS A 25 0.72 -20.64 15.37
C CYS A 25 0.73 -21.24 16.77
N VAL A 26 1.86 -21.78 17.17
CA VAL A 26 1.99 -22.39 18.48
C VAL A 26 3.13 -21.78 19.28
N LEU A 27 2.84 -21.40 20.51
CA LEU A 27 3.84 -20.75 21.34
C LEU A 27 4.40 -21.69 22.40
N LYS A 28 5.71 -21.88 22.37
CA LYS A 28 6.40 -22.69 23.36
C LYS A 28 7.52 -21.81 23.86
N PRO A 29 8.04 -22.06 25.04
CA PRO A 29 8.99 -21.09 25.58
C PRO A 29 10.15 -20.90 24.61
N GLY A 30 10.41 -19.65 24.27
CA GLY A 30 11.54 -19.29 23.42
C GLY A 30 11.25 -19.44 21.95
N VAL A 31 10.11 -19.98 21.59
CA VAL A 31 9.83 -20.17 20.18
C VAL A 31 8.38 -19.93 19.81
N LEU A 32 8.19 -19.41 18.62
CA LEU A 32 6.89 -19.38 18.01
C LEU A 32 6.97 -20.30 16.80
N LEU A 33 6.11 -21.29 16.77
CA LEU A 33 6.13 -22.28 15.70
C LEU A 33 4.96 -22.02 14.79
N ILE A 34 5.22 -21.95 13.49
CA ILE A 34 4.20 -21.57 12.53
C ILE A 34 3.92 -22.69 11.53
N TYR A 35 2.64 -23.02 11.38
CA TYR A 35 2.22 -24.14 10.56
C TYR A 35 1.08 -23.75 9.63
N LYS A 36 1.02 -24.41 8.48
CA LYS A 36 -0.08 -24.26 7.52
C LYS A 36 -1.42 -24.75 8.08
N THR A 37 -1.41 -25.86 8.81
CA THR A 37 -2.65 -26.44 9.35
C THR A 37 -2.56 -26.74 10.84
N GLN A 38 -3.72 -26.77 11.49
CA GLN A 38 -3.81 -26.92 12.93
C GLN A 38 -3.35 -28.24 13.54
N LYS A 39 -3.58 -29.35 12.88
CA LYS A 39 -3.07 -30.61 13.41
C LYS A 39 -2.09 -31.24 12.44
N ASN A 40 -0.90 -31.58 12.93
CA ASN A 40 0.09 -32.29 12.09
C ASN A 40 0.33 -31.48 10.82
N GLY A 41 0.51 -30.18 11.00
CA GLY A 41 0.59 -29.25 9.88
C GLY A 41 1.93 -29.22 9.18
N GLN A 42 1.95 -28.54 8.04
CA GLN A 42 3.18 -28.38 7.29
C GLN A 42 3.92 -27.17 7.88
N TRP A 43 5.06 -27.43 8.50
CA TRP A 43 5.80 -26.39 9.17
C TRP A 43 6.27 -25.35 8.20
N VAL A 44 6.08 -24.08 8.54
CA VAL A 44 6.56 -22.98 7.72
C VAL A 44 7.86 -22.37 8.25
N GLY A 45 7.86 -22.04 9.53
CA GLY A 45 9.04 -21.53 10.17
C GLY A 45 8.92 -21.53 11.68
N THR A 46 10.05 -21.37 12.35
CA THR A 46 10.06 -21.15 13.78
C THR A 46 10.80 -19.87 14.07
N VAL A 47 10.16 -18.98 14.80
CA VAL A 47 10.75 -17.72 15.18
C VAL A 47 11.48 -17.91 16.50
N LEU A 48 12.73 -17.48 16.57
CA LEU A 48 13.50 -17.60 17.79
C LEU A 48 13.24 -16.38 18.63
N LEU A 49 12.33 -16.51 19.58
CA LEU A 49 11.87 -15.38 20.36
C LEU A 49 12.98 -14.77 21.21
N ASN A 50 13.99 -15.55 21.51
CA ASN A 50 15.11 -15.09 22.33
C ASN A 50 15.89 -13.94 21.69
N ALA A 51 15.86 -13.88 20.37
CA ALA A 51 16.57 -12.85 19.63
C ALA A 51 15.70 -11.66 19.32
N CYS A 52 14.49 -11.65 19.86
CA CYS A 52 13.44 -10.76 19.41
C CYS A 52 12.95 -9.76 20.44
N GLU A 53 12.31 -8.72 19.92
CA GLU A 53 11.62 -7.72 20.70
C GLU A 53 10.26 -7.56 20.05
N ILE A 54 9.31 -7.04 20.79
CA ILE A 54 7.96 -6.95 20.29
C ILE A 54 7.42 -5.54 20.41
N ILE A 55 6.70 -5.09 19.40
CA ILE A 55 6.06 -3.79 19.46
C ILE A 55 4.68 -3.78 18.82
N GLU A 56 3.77 -3.02 19.42
CA GLU A 56 2.42 -2.85 18.91
C GLU A 56 2.41 -2.02 17.64
N ARG A 57 1.44 -2.28 16.76
CA ARG A 57 1.36 -1.59 15.48
C ARG A 57 -0.05 -1.11 15.15
N PRO A 58 -0.46 0.04 15.67
CA PRO A 58 -1.81 0.52 15.38
C PRO A 58 -1.91 0.88 13.90
N SER A 59 -3.07 0.94 13.25
CA SER A 59 -4.34 0.42 13.73
C SER A 59 -5.08 -0.12 12.52
N LYS A 60 -5.81 -1.22 12.67
CA LYS A 60 -6.50 -1.85 11.55
C LYS A 60 -6.80 -0.82 10.47
N GLY A 63 -7.81 -5.14 12.54
CA GLY A 63 -7.97 -5.33 13.98
C GLY A 63 -6.71 -4.92 14.73
N PHE A 64 -6.12 -5.85 15.45
CA PHE A 64 -4.95 -5.54 16.27
C PHE A 64 -3.70 -6.20 15.70
N CYS A 65 -2.67 -5.40 15.48
CA CYS A 65 -1.46 -5.87 14.86
C CYS A 65 -0.25 -5.62 15.76
N PHE A 66 0.66 -6.56 15.78
CA PHE A 66 1.90 -6.40 16.52
C PHE A 66 3.05 -6.91 15.67
N LYS A 67 4.26 -6.47 15.98
CA LYS A 67 5.42 -6.85 15.21
C LYS A 67 6.50 -7.50 16.06
N LEU A 68 7.00 -8.63 15.59
CA LEU A 68 8.17 -9.28 16.19
C LEU A 68 9.36 -8.93 15.33
N PHE A 69 10.43 -8.45 15.95
CA PHE A 69 11.59 -8.03 15.18
C PHE A 69 12.90 -8.23 15.91
N HIS A 70 13.98 -8.36 15.16
CA HIS A 70 15.28 -8.47 15.76
C HIS A 70 15.80 -7.07 15.89
N PRO A 71 16.16 -6.67 17.08
CA PRO A 71 16.58 -5.29 17.31
C PRO A 71 17.85 -4.94 16.52
N LEU A 72 18.66 -5.94 16.23
CA LEU A 72 19.89 -5.76 15.46
C LEU A 72 19.73 -6.15 13.99
N GLU A 73 18.48 -6.25 13.55
CA GLU A 73 18.15 -6.48 12.11
C GLU A 73 18.76 -7.77 11.55
N GLN A 74 18.85 -8.77 12.41
CA GLN A 74 19.37 -10.07 12.05
C GLN A 74 18.25 -11.07 11.92
N SER A 75 18.56 -12.27 11.47
CA SER A 75 17.55 -13.28 11.24
C SER A 75 16.86 -13.74 12.53
N ILE A 76 15.55 -13.90 12.44
CA ILE A 76 14.72 -14.33 13.56
C ILE A 76 14.33 -15.80 13.44
N TRP A 77 14.86 -16.48 12.44
CA TRP A 77 14.36 -17.77 12.03
C TRP A 77 15.23 -18.94 12.39
N ALA A 78 14.61 -19.99 12.89
CA ALA A 78 15.34 -21.20 13.20
C ALA A 78 15.85 -21.84 11.93
N VAL A 79 17.05 -22.40 11.99
CA VAL A 79 17.59 -23.15 10.88
C VAL A 79 16.88 -24.46 10.58
N LYS A 80 16.48 -25.16 11.63
CA LYS A 80 15.94 -26.49 11.48
C LYS A 80 14.53 -26.59 12.02
N GLY A 81 13.74 -27.44 11.40
CA GLY A 81 12.35 -27.61 11.79
C GLY A 81 12.28 -28.30 13.13
N PRO A 82 11.11 -28.25 13.74
CA PRO A 82 10.90 -28.89 15.04
C PRO A 82 11.11 -30.38 14.90
N LYS A 83 10.79 -30.90 13.73
CA LYS A 83 10.96 -32.32 13.42
C LYS A 83 12.17 -32.59 12.54
N GLY A 84 13.13 -31.67 12.51
CA GLY A 84 14.36 -31.87 11.75
C GLY A 84 14.27 -31.45 10.31
N GLU A 85 13.18 -30.76 9.99
CA GLU A 85 12.91 -30.38 8.62
C GLU A 85 13.99 -29.44 8.11
N ALA A 86 14.53 -29.74 6.93
CA ALA A 86 15.51 -28.88 6.28
C ALA A 86 14.98 -27.54 5.83
N VAL A 87 13.80 -27.56 5.22
CA VAL A 87 13.24 -26.40 4.57
C VAL A 87 11.80 -26.20 4.97
N GLY A 88 11.35 -24.96 5.02
CA GLY A 88 9.97 -24.66 5.37
C GLY A 88 9.04 -24.85 4.20
N SER A 89 7.77 -25.12 4.49
CA SER A 89 6.78 -25.23 3.43
C SER A 89 6.69 -23.88 2.76
N ILE A 90 6.58 -23.89 1.44
CA ILE A 90 6.58 -22.65 0.73
C ILE A 90 5.34 -21.83 1.04
N THR A 91 5.56 -20.57 1.34
CA THR A 91 4.49 -19.64 1.62
C THR A 91 4.87 -18.35 0.94
N GLN A 92 4.01 -17.39 1.11
CA GLN A 92 4.25 -16.08 0.55
C GLN A 92 5.55 -15.66 1.22
N PRO A 93 6.40 -14.91 0.53
CA PRO A 93 7.72 -14.62 1.08
C PRO A 93 7.61 -13.85 2.39
N LEU A 94 8.46 -14.16 3.35
CA LEU A 94 8.43 -13.50 4.64
C LEU A 94 9.76 -12.84 4.97
N PRO A 95 9.77 -11.74 5.72
CA PRO A 95 11.00 -11.00 5.98
C PRO A 95 11.98 -11.81 6.81
N SER A 96 13.27 -11.59 6.61
CA SER A 96 14.26 -12.26 7.42
C SER A 96 14.28 -11.85 8.90
N SER A 97 14.21 -10.55 9.16
CA SER A 97 14.44 -10.03 10.50
C SER A 97 13.22 -9.52 11.28
N TYR A 98 12.02 -9.67 10.74
CA TYR A 98 10.83 -9.28 11.48
C TYR A 98 9.59 -9.94 10.94
N LEU A 99 8.55 -9.97 11.76
CA LEU A 99 7.28 -10.49 11.35
C LEU A 99 6.16 -9.57 11.83
N ILE A 100 5.21 -9.29 10.95
CA ILE A 100 4.07 -8.46 11.32
C ILE A 100 2.85 -9.35 11.42
N ILE A 101 2.19 -9.32 12.56
CA ILE A 101 1.16 -10.31 12.87
C ILE A 101 -0.18 -9.68 13.26
N ARG A 102 -1.27 -10.28 12.80
CA ARG A 102 -2.61 -9.79 13.09
C ARG A 102 -3.48 -10.83 13.78
N ALA A 103 -4.26 -10.39 14.76
CA ALA A 103 -5.17 -11.27 15.48
C ALA A 103 -6.59 -10.78 15.32
N THR A 104 -7.54 -11.70 15.44
CA THR A 104 -8.93 -11.41 15.17
C THR A 104 -9.48 -10.33 16.08
N SER A 105 -9.12 -10.37 17.35
CA SER A 105 -9.70 -9.48 18.32
C SER A 105 -8.63 -8.78 19.12
N GLU A 106 -8.97 -7.61 19.66
CA GLU A 106 -8.05 -6.84 20.47
C GLU A 106 -7.67 -7.63 21.71
N SER A 107 -8.64 -8.29 22.31
CA SER A 107 -8.36 -9.08 23.48
C SER A 107 -7.41 -10.22 23.15
N ASP A 108 -7.66 -10.88 22.04
CA ASP A 108 -6.80 -11.99 21.64
C ASP A 108 -5.40 -11.44 21.38
N GLY A 109 -5.34 -10.30 20.71
CA GLY A 109 -4.04 -9.75 20.34
C GLY A 109 -3.21 -9.41 21.55
N ARG A 110 -3.85 -8.80 22.54
CA ARG A 110 -3.16 -8.41 23.75
C ARG A 110 -2.67 -9.64 24.50
N CYS A 111 -3.47 -10.70 24.49
CA CYS A 111 -3.08 -11.94 25.14
C CYS A 111 -1.85 -12.52 24.49
N TRP A 112 -1.84 -12.53 23.17
CA TRP A 112 -0.72 -13.08 22.45
C TRP A 112 0.50 -12.31 22.78
N MET A 113 0.34 -11.01 22.75
CA MET A 113 1.47 -10.14 22.95
C MET A 113 2.08 -10.29 24.33
N ASP A 114 1.25 -10.30 25.35
CA ASP A 114 1.74 -10.46 26.71
C ASP A 114 2.42 -11.82 26.86
N ALA A 115 1.80 -12.85 26.29
CA ALA A 115 2.38 -14.19 26.34
C ALA A 115 3.70 -14.22 25.59
N LEU A 116 3.76 -13.51 24.48
CA LEU A 116 4.98 -13.44 23.70
C LEU A 116 6.09 -12.78 24.50
N GLU A 117 5.74 -11.77 25.30
CA GLU A 117 6.75 -11.07 26.08
C GLU A 117 7.46 -11.98 27.05
N LEU A 118 6.70 -12.76 27.80
CA LEU A 118 7.27 -13.69 28.76
C LEU A 118 8.11 -14.73 28.06
N ALA A 119 7.63 -15.19 26.92
CA ALA A 119 8.26 -16.26 26.17
C ALA A 119 9.62 -15.84 25.62
N LEU A 120 9.86 -14.55 25.50
CA LEU A 120 11.08 -14.09 24.87
C LEU A 120 12.34 -14.51 25.62
N LYS A 121 12.31 -14.41 26.93
CA LYS A 121 13.50 -14.67 27.73
C LYS A 121 13.47 -15.99 28.47
N SER A 122 12.77 -16.96 27.90
CA SER A 122 12.69 -18.27 28.50
C SER A 122 13.00 -19.33 27.46
N GLY A 123 13.51 -20.48 27.89
CA GLY A 123 13.74 -21.59 26.99
C GLY A 123 15.18 -22.00 26.84
N SER B 2 -9.49 29.05 -31.54
CA SER B 2 -10.00 30.26 -30.93
C SER B 2 -10.20 30.07 -29.45
N SER B 3 -10.89 29.00 -29.10
CA SER B 3 -11.12 28.66 -27.70
C SER B 3 -9.80 28.37 -27.01
N GLY B 4 -8.90 27.71 -27.73
CA GLY B 4 -7.66 27.26 -27.12
C GLY B 4 -7.80 25.89 -26.49
N ILE B 5 -8.98 25.30 -26.64
CA ILE B 5 -9.22 23.99 -26.06
C ILE B 5 -8.52 22.95 -26.90
N VAL B 6 -7.48 22.35 -26.35
CA VAL B 6 -6.76 21.27 -27.01
C VAL B 6 -7.56 19.99 -27.16
N MET B 7 -8.25 19.61 -26.08
CA MET B 7 -9.05 18.39 -26.05
C MET B 7 -10.28 18.56 -25.17
N ALA B 8 -11.36 17.87 -25.51
CA ALA B 8 -12.51 17.77 -24.61
C ALA B 8 -13.20 16.42 -24.74
N ASP B 9 -13.39 15.72 -23.63
CA ASP B 9 -14.12 14.46 -23.65
C ASP B 9 -14.54 13.98 -22.25
N TRP B 10 -15.40 12.98 -22.21
CA TRP B 10 -15.75 12.36 -20.96
C TRP B 10 -14.55 11.61 -20.45
N LEU B 11 -14.30 11.69 -19.16
CA LEU B 11 -13.36 10.82 -18.51
C LEU B 11 -13.98 10.34 -17.21
N LYS B 12 -13.51 9.21 -16.70
CA LYS B 12 -13.99 8.75 -15.43
C LYS B 12 -12.94 9.07 -14.38
N ILE B 13 -13.38 9.67 -13.29
CA ILE B 13 -12.51 10.09 -12.21
C ILE B 13 -12.81 9.23 -10.99
N ARG B 14 -11.81 8.56 -10.48
CA ARG B 14 -12.03 7.49 -9.52
C ARG B 14 -12.68 7.93 -8.23
N GLY B 15 -12.12 8.95 -7.60
CA GLY B 15 -12.70 9.50 -6.41
C GLY B 15 -12.21 8.73 -5.22
N THR B 16 -12.16 9.37 -4.06
CA THR B 16 -11.76 8.68 -2.84
C THR B 16 -12.76 7.56 -2.51
N LEU B 17 -14.01 7.72 -2.96
CA LEU B 17 -15.06 6.74 -2.68
C LEU B 17 -15.29 5.73 -3.82
N LYS B 18 -14.39 5.71 -4.79
CA LYS B 18 -14.50 4.74 -5.89
C LYS B 18 -15.80 4.96 -6.66
N SER B 19 -16.25 6.18 -6.74
CA SER B 19 -17.41 6.54 -7.52
C SER B 19 -17.18 6.35 -9.04
N TRP B 20 -15.99 6.65 -9.52
CA TRP B 20 -15.69 6.56 -10.94
C TRP B 20 -16.69 7.33 -11.74
N THR B 21 -16.96 8.55 -11.31
CA THR B 21 -17.96 9.40 -11.92
C THR B 21 -17.53 9.86 -13.30
N LYS B 22 -18.44 9.83 -14.26
CA LYS B 22 -18.13 10.35 -15.56
C LYS B 22 -18.31 11.86 -15.53
N LEU B 23 -17.28 12.56 -15.94
CA LEU B 23 -17.30 14.00 -15.94
C LEU B 23 -16.74 14.52 -17.24
N TRP B 24 -17.16 15.70 -17.62
CA TRP B 24 -16.71 16.33 -18.83
C TRP B 24 -15.43 17.06 -18.53
N CYS B 25 -14.37 16.69 -19.22
CA CYS B 25 -13.06 17.29 -19.00
C CYS B 25 -12.57 18.08 -20.22
N VAL B 26 -12.15 19.31 -20.00
CA VAL B 26 -11.68 20.16 -21.07
C VAL B 26 -10.23 20.53 -20.80
N LEU B 27 -9.37 20.32 -21.79
CA LEU B 27 -7.96 20.59 -21.62
C LEU B 27 -7.53 21.84 -22.38
N LYS B 28 -6.92 22.75 -21.66
CA LYS B 28 -6.32 23.95 -22.22
C LYS B 28 -4.90 23.98 -21.69
N PRO B 29 -4.02 24.73 -22.31
CA PRO B 29 -2.64 24.68 -21.82
C PRO B 29 -2.62 25.11 -20.35
N GLY B 30 -2.03 24.26 -19.54
CA GLY B 30 -1.85 24.57 -18.12
C GLY B 30 -3.02 24.22 -17.24
N VAL B 31 -4.16 23.85 -17.81
CA VAL B 31 -5.29 23.49 -16.98
C VAL B 31 -6.15 22.34 -17.52
N LEU B 32 -6.64 21.52 -16.62
CA LEU B 32 -7.66 20.57 -16.96
C LEU B 32 -8.92 21.02 -16.22
N LEU B 33 -9.95 21.34 -16.97
CA LEU B 33 -11.19 21.85 -16.42
C LEU B 33 -12.18 20.72 -16.36
N ILE B 34 -12.83 20.55 -15.21
CA ILE B 34 -13.74 19.45 -15.00
C ILE B 34 -15.16 19.96 -14.75
N TYR B 35 -16.10 19.43 -15.52
CA TYR B 35 -17.49 19.84 -15.47
C TYR B 35 -18.40 18.64 -15.35
N LYS B 36 -19.57 18.86 -14.79
CA LYS B 36 -20.60 17.83 -14.72
C LYS B 36 -21.19 17.43 -16.09
N THR B 37 -21.35 18.40 -16.98
CA THR B 37 -21.99 18.18 -18.28
C THR B 37 -21.27 18.89 -19.41
N GLN B 38 -21.62 18.49 -20.63
CA GLN B 38 -20.97 18.92 -21.85
C GLN B 38 -21.02 20.39 -22.22
N LYS B 39 -22.15 21.04 -22.05
CA LYS B 39 -22.26 22.41 -22.53
C LYS B 39 -22.66 23.36 -21.41
N ASN B 40 -21.86 24.41 -21.21
CA ASN B 40 -22.23 25.43 -20.22
C ASN B 40 -22.47 24.73 -18.90
N GLY B 41 -21.66 23.70 -18.64
CA GLY B 41 -21.85 22.81 -17.49
C GLY B 41 -21.41 23.43 -16.19
N GLN B 42 -21.77 22.80 -15.08
CA GLN B 42 -21.37 23.29 -13.78
C GLN B 42 -19.92 22.86 -13.49
N TRP B 43 -19.06 23.83 -13.26
CA TRP B 43 -17.67 23.57 -12.98
C TRP B 43 -17.49 22.79 -11.71
N VAL B 44 -16.67 21.75 -11.74
CA VAL B 44 -16.37 20.97 -10.53
C VAL B 44 -15.01 21.33 -9.92
N GLY B 45 -14.00 21.36 -10.76
CA GLY B 45 -12.68 21.78 -10.34
C GLY B 45 -11.79 22.06 -11.53
N THR B 46 -10.71 22.78 -11.30
CA THR B 46 -9.67 22.92 -12.30
C THR B 46 -8.34 22.41 -11.75
N VAL B 47 -7.72 21.48 -12.45
CA VAL B 47 -6.41 21.02 -12.07
C VAL B 47 -5.35 21.97 -12.64
N LEU B 48 -4.49 22.48 -11.79
CA LEU B 48 -3.40 23.33 -12.23
C LEU B 48 -2.24 22.42 -12.64
N LEU B 49 -2.13 22.17 -13.95
CA LEU B 49 -1.24 21.17 -14.51
C LEU B 49 0.25 21.47 -14.32
N ASN B 50 0.58 22.73 -14.08
CA ASN B 50 1.96 23.16 -13.87
C ASN B 50 2.56 22.49 -12.64
N ALA B 51 1.72 22.28 -11.64
CA ALA B 51 2.12 21.65 -10.39
C ALA B 51 2.32 20.16 -10.52
N CYS B 52 1.90 19.60 -11.64
CA CYS B 52 1.71 18.17 -11.75
C CYS B 52 2.74 17.37 -12.53
N GLU B 53 2.73 16.08 -12.25
CA GLU B 53 3.39 15.07 -13.02
C GLU B 53 2.36 14.02 -13.34
N ILE B 54 2.63 13.19 -14.33
CA ILE B 54 1.67 12.23 -14.80
C ILE B 54 2.32 10.86 -14.84
N ILE B 55 1.59 9.85 -14.42
CA ILE B 55 2.08 8.49 -14.50
C ILE B 55 0.99 7.53 -14.93
N GLU B 56 1.35 6.59 -15.79
CA GLU B 56 0.45 5.53 -16.19
C GLU B 56 0.17 4.63 -14.99
N ARG B 57 -1.08 4.18 -14.89
CA ARG B 57 -1.54 3.38 -13.77
C ARG B 57 -2.29 2.17 -14.31
N PRO B 58 -1.57 1.18 -14.79
CA PRO B 58 -2.17 0.07 -15.51
C PRO B 58 -3.14 -0.74 -14.66
N SER B 59 -4.25 -1.13 -15.26
CA SER B 59 -5.31 -1.79 -14.52
C SER B 59 -5.94 -2.95 -15.28
N LYS B 60 -6.43 -3.91 -14.51
CA LYS B 60 -7.14 -5.07 -15.02
C LYS B 60 -8.41 -4.66 -15.76
N LYS B 61 -9.06 -3.63 -15.25
CA LYS B 61 -10.34 -3.17 -15.74
C LYS B 61 -10.23 -2.64 -17.16
N ASP B 62 -11.32 -2.75 -17.91
CA ASP B 62 -11.33 -2.32 -19.30
C ASP B 62 -11.07 -0.82 -19.34
N GLY B 63 -10.22 -0.39 -20.26
CA GLY B 63 -9.85 1.00 -20.38
C GLY B 63 -8.41 1.28 -20.02
N PHE B 64 -8.04 2.56 -20.05
CA PHE B 64 -6.68 2.99 -19.79
C PHE B 64 -6.68 3.99 -18.63
N CYS B 65 -5.86 3.72 -17.63
CA CYS B 65 -5.86 4.51 -16.41
C CYS B 65 -4.55 5.25 -16.20
N PHE B 66 -4.62 6.50 -15.78
CA PHE B 66 -3.44 7.29 -15.48
C PHE B 66 -3.68 8.18 -14.27
N LYS B 67 -2.60 8.62 -13.65
CA LYS B 67 -2.69 9.47 -12.47
C LYS B 67 -1.97 10.82 -12.62
N LEU B 68 -2.68 11.90 -12.29
CA LEU B 68 -2.11 13.23 -12.21
C LEU B 68 -1.83 13.51 -10.73
N PHE B 69 -0.60 13.84 -10.40
CA PHE B 69 -0.23 14.08 -9.00
C PHE B 69 0.75 15.22 -8.79
N HIS B 70 0.75 15.78 -7.59
CA HIS B 70 1.73 16.75 -7.21
C HIS B 70 2.90 16.03 -6.62
N PRO B 71 4.09 16.24 -7.17
CA PRO B 71 5.28 15.52 -6.70
C PRO B 71 5.61 15.85 -5.24
N LEU B 72 5.24 17.01 -4.75
CA LEU B 72 5.46 17.38 -3.37
C LEU B 72 4.19 17.22 -2.51
N GLU B 73 3.20 16.52 -3.06
CA GLU B 73 1.99 16.14 -2.30
C GLU B 73 1.20 17.33 -1.81
N GLN B 74 1.25 18.41 -2.57
CA GLN B 74 0.47 19.59 -2.30
C GLN B 74 -0.77 19.68 -3.19
N SER B 75 -1.60 20.70 -3.01
CA SER B 75 -2.86 20.78 -3.73
C SER B 75 -2.68 21.01 -5.24
N ILE B 76 -3.46 20.31 -6.03
CA ILE B 76 -3.44 20.43 -7.48
C ILE B 76 -4.57 21.29 -8.03
N TRP B 77 -5.38 21.83 -7.14
CA TRP B 77 -6.61 22.50 -7.51
C TRP B 77 -6.57 24.00 -7.49
N ALA B 78 -7.19 24.60 -8.49
CA ALA B 78 -7.37 26.03 -8.53
C ALA B 78 -8.39 26.50 -7.49
N VAL B 79 -8.12 27.66 -6.91
CA VAL B 79 -9.04 28.30 -5.97
C VAL B 79 -10.33 28.78 -6.61
N LYS B 80 -10.22 29.39 -7.79
CA LYS B 80 -11.37 29.96 -8.43
C LYS B 80 -11.66 29.34 -9.80
N GLY B 81 -12.92 29.44 -10.19
CA GLY B 81 -13.41 28.89 -11.45
C GLY B 81 -13.02 29.73 -12.65
N PRO B 82 -13.22 29.16 -13.84
CA PRO B 82 -12.90 29.84 -15.10
C PRO B 82 -13.71 31.11 -15.25
N LYS B 83 -14.93 31.07 -14.78
CA LYS B 83 -15.84 32.20 -14.85
C LYS B 83 -15.76 33.01 -13.55
N GLY B 84 -14.72 32.77 -12.75
CA GLY B 84 -14.55 33.52 -11.51
C GLY B 84 -15.30 32.95 -10.33
N GLU B 85 -15.81 31.73 -10.49
CA GLU B 85 -16.62 31.09 -9.48
C GLU B 85 -15.85 30.85 -8.19
N ALA B 86 -16.46 31.22 -7.08
CA ALA B 86 -15.84 31.07 -5.77
C ALA B 86 -15.58 29.62 -5.41
N VAL B 87 -16.53 28.75 -5.71
CA VAL B 87 -16.43 27.35 -5.32
C VAL B 87 -16.97 26.40 -6.38
N GLY B 88 -16.46 25.18 -6.40
CA GLY B 88 -16.92 24.17 -7.34
C GLY B 88 -18.21 23.48 -6.92
N SER B 89 -18.93 22.96 -7.91
CA SER B 89 -20.13 22.17 -7.67
C SER B 89 -19.84 20.83 -7.03
N ILE B 90 -20.73 20.41 -6.13
CA ILE B 90 -20.50 19.25 -5.31
C ILE B 90 -20.40 17.99 -6.15
N THR B 91 -19.38 17.20 -5.85
CA THR B 91 -19.24 15.87 -6.41
C THR B 91 -18.73 14.99 -5.32
N GLN B 92 -18.59 13.73 -5.67
CA GLN B 92 -18.15 12.72 -4.77
C GLN B 92 -16.72 13.15 -4.41
N PRO B 93 -16.25 12.85 -3.21
CA PRO B 93 -15.02 13.47 -2.72
C PRO B 93 -13.77 13.14 -3.52
N LEU B 94 -12.97 14.15 -3.82
CA LEU B 94 -11.74 13.96 -4.57
C LEU B 94 -10.47 14.30 -3.76
N PRO B 95 -9.35 13.67 -4.05
CA PRO B 95 -8.13 13.94 -3.28
C PRO B 95 -7.59 15.33 -3.54
N SER B 96 -6.89 15.88 -2.56
CA SER B 96 -6.23 17.15 -2.72
C SER B 96 -5.07 17.19 -3.70
N SER B 97 -4.19 16.20 -3.63
CA SER B 97 -2.91 16.25 -4.30
C SER B 97 -2.73 15.29 -5.48
N TYR B 98 -3.78 14.56 -5.85
CA TYR B 98 -3.74 13.70 -7.01
C TYR B 98 -5.12 13.39 -7.55
N LEU B 99 -5.14 12.92 -8.79
CA LEU B 99 -6.36 12.50 -9.41
C LEU B 99 -6.10 11.23 -10.22
N ILE B 100 -6.98 10.26 -10.09
CA ILE B 100 -6.84 9.03 -10.84
C ILE B 100 -7.92 8.99 -11.91
N ILE B 101 -7.50 8.80 -13.15
CA ILE B 101 -8.38 8.98 -14.29
C ILE B 101 -8.44 7.77 -15.22
N ARG B 102 -9.63 7.43 -15.69
CA ARG B 102 -9.81 6.33 -16.62
C ARG B 102 -10.46 6.76 -17.93
N ALA B 103 -9.89 6.31 -19.04
CA ALA B 103 -10.43 6.55 -20.36
C ALA B 103 -10.93 5.26 -20.98
N THR B 104 -11.90 5.38 -21.88
CA THR B 104 -12.65 4.25 -22.40
C THR B 104 -11.77 3.29 -23.17
N SER B 105 -10.78 3.82 -23.87
CA SER B 105 -9.90 3.01 -24.68
C SER B 105 -8.46 3.41 -24.47
N GLU B 106 -7.56 2.50 -24.78
CA GLU B 106 -6.15 2.78 -24.72
C GLU B 106 -5.74 3.89 -25.66
N SER B 107 -6.35 3.94 -26.84
CA SER B 107 -6.04 5.00 -27.78
C SER B 107 -6.42 6.34 -27.21
N ASP B 108 -7.61 6.44 -26.64
CA ASP B 108 -8.02 7.69 -26.04
C ASP B 108 -7.06 8.01 -24.89
N GLY B 109 -6.71 7.00 -24.11
CA GLY B 109 -5.85 7.22 -22.94
C GLY B 109 -4.50 7.75 -23.31
N ARG B 110 -3.89 7.20 -24.35
CA ARG B 110 -2.59 7.67 -24.78
C ARG B 110 -2.65 9.11 -25.26
N CYS B 111 -3.71 9.46 -26.00
CA CYS B 111 -3.85 10.80 -26.52
C CYS B 111 -3.96 11.79 -25.38
N TRP B 112 -4.75 11.44 -24.39
CA TRP B 112 -4.89 12.29 -23.23
C TRP B 112 -3.59 12.46 -22.54
N MET B 113 -2.89 11.36 -22.29
CA MET B 113 -1.65 11.46 -21.57
C MET B 113 -0.66 12.30 -22.35
N ASP B 114 -0.55 12.07 -23.64
CA ASP B 114 0.39 12.83 -24.43
C ASP B 114 0.05 14.31 -24.42
N ALA B 115 -1.22 14.64 -24.58
CA ALA B 115 -1.65 16.02 -24.53
C ALA B 115 -1.42 16.63 -23.15
N LEU B 116 -1.68 15.85 -22.12
CA LEU B 116 -1.50 16.33 -20.77
C LEU B 116 -0.02 16.62 -20.54
N GLU B 117 0.83 15.75 -21.04
CA GLU B 117 2.27 15.86 -20.82
C GLU B 117 2.78 17.16 -21.42
N LEU B 118 2.33 17.48 -22.62
CA LEU B 118 2.66 18.76 -23.23
C LEU B 118 2.09 19.92 -22.46
N ALA B 119 0.86 19.77 -22.00
CA ALA B 119 0.14 20.87 -21.39
C ALA B 119 0.69 21.25 -20.02
N LEU B 120 1.50 20.40 -19.43
CA LEU B 120 1.95 20.61 -18.06
C LEU B 120 2.75 21.89 -17.87
N LYS B 121 3.62 22.19 -18.81
CA LYS B 121 4.57 23.29 -18.64
C LYS B 121 4.20 24.52 -19.47
N SER B 122 2.92 24.75 -19.69
CA SER B 122 2.51 25.84 -20.55
C SER B 122 1.28 26.53 -19.99
N GLY B 123 1.00 27.73 -20.47
CA GLY B 123 -0.21 28.43 -20.08
C GLY B 123 0.06 29.70 -19.29
N SER C 3 -2.59 -10.28 -2.67
CA SER C 3 -3.64 -10.82 -1.83
C SER C 3 -4.36 -11.94 -2.58
N GLY C 4 -4.75 -12.96 -1.84
CA GLY C 4 -5.30 -14.17 -2.44
C GLY C 4 -4.19 -15.11 -2.86
N ILE C 5 -2.95 -14.75 -2.55
CA ILE C 5 -1.79 -15.49 -3.03
C ILE C 5 -1.46 -16.68 -2.14
N VAL C 6 -1.68 -17.87 -2.67
CA VAL C 6 -1.35 -19.10 -1.95
C VAL C 6 0.14 -19.29 -1.68
N MET C 7 0.95 -19.14 -2.72
CA MET C 7 2.41 -19.18 -2.56
C MET C 7 3.13 -18.44 -3.69
N ALA C 8 4.30 -17.92 -3.39
CA ALA C 8 5.16 -17.28 -4.38
C ALA C 8 6.61 -17.69 -4.22
N ASP C 9 7.23 -18.21 -5.27
CA ASP C 9 8.65 -18.54 -5.24
C ASP C 9 9.24 -18.60 -6.65
N TRP C 10 10.56 -18.66 -6.76
CA TRP C 10 11.21 -18.91 -8.03
C TRP C 10 10.97 -20.31 -8.47
N LEU C 11 10.70 -20.52 -9.75
CA LEU C 11 10.72 -21.84 -10.34
C LEU C 11 11.55 -21.81 -11.62
N LYS C 12 12.06 -22.95 -12.02
CA LYS C 12 12.78 -23.05 -13.27
C LYS C 12 11.84 -23.65 -14.30
N ILE C 13 11.69 -22.97 -15.42
CA ILE C 13 10.72 -23.38 -16.42
C ILE C 13 11.42 -23.79 -17.70
N ARG C 14 11.17 -25.00 -18.16
CA ARG C 14 11.88 -25.49 -19.32
C ARG C 14 11.27 -24.91 -20.57
N GLY C 15 12.11 -24.29 -21.39
CA GLY C 15 11.65 -23.80 -22.68
C GLY C 15 11.57 -24.97 -23.61
N THR C 16 11.05 -24.76 -24.81
CA THR C 16 11.11 -25.76 -25.86
C THR C 16 12.58 -25.96 -26.18
N LEU C 17 13.33 -24.88 -26.16
CA LEU C 17 14.76 -24.97 -26.13
C LEU C 17 15.03 -25.39 -24.70
N LYS C 18 16.24 -25.84 -24.41
CA LYS C 18 16.48 -26.56 -23.18
C LYS C 18 16.93 -25.63 -22.06
N SER C 19 16.68 -24.35 -22.26
CA SER C 19 17.01 -23.37 -21.26
C SER C 19 16.05 -23.60 -20.13
N TRP C 20 16.49 -23.29 -18.94
CA TRP C 20 15.70 -23.49 -17.77
C TRP C 20 15.70 -22.19 -17.04
N THR C 21 15.00 -21.22 -17.59
CA THR C 21 15.03 -19.89 -17.03
C THR C 21 14.39 -19.89 -15.65
N LYS C 22 15.01 -19.16 -14.74
CA LYS C 22 14.50 -19.06 -13.41
C LYS C 22 13.52 -17.90 -13.41
N LEU C 23 12.28 -18.17 -13.03
CA LEU C 23 11.25 -17.15 -13.06
C LEU C 23 10.46 -17.08 -11.77
N TRP C 24 9.96 -15.90 -11.44
CA TRP C 24 9.21 -15.69 -10.24
C TRP C 24 7.78 -16.05 -10.51
N CYS C 25 7.28 -17.05 -9.78
CA CYS C 25 5.93 -17.56 -9.97
C CYS C 25 5.04 -17.33 -8.76
N VAL C 26 3.83 -16.85 -8.99
CA VAL C 26 2.87 -16.57 -7.94
C VAL C 26 1.60 -17.38 -8.17
N LEU C 27 1.15 -18.12 -7.16
CA LEU C 27 -0.03 -18.95 -7.31
C LEU C 27 -1.23 -18.35 -6.59
N LYS C 28 -2.28 -18.08 -7.35
CA LYS C 28 -3.56 -17.64 -6.83
C LYS C 28 -4.57 -18.63 -7.36
N PRO C 29 -5.73 -18.74 -6.73
CA PRO C 29 -6.63 -19.78 -7.20
C PRO C 29 -6.97 -19.54 -8.67
N GLY C 30 -6.75 -20.57 -9.47
CA GLY C 30 -7.10 -20.55 -10.88
C GLY C 30 -5.99 -20.08 -11.81
N VAL C 31 -4.94 -19.48 -11.29
CA VAL C 31 -3.86 -19.02 -12.14
C VAL C 31 -2.46 -19.20 -11.56
N LEU C 32 -1.50 -19.49 -12.43
CA LEU C 32 -0.12 -19.40 -12.05
C LEU C 32 0.41 -18.20 -12.81
N LEU C 33 0.81 -17.16 -12.07
CA LEU C 33 1.30 -15.93 -12.68
C LEU C 33 2.83 -16.01 -12.76
N ILE C 34 3.39 -15.70 -13.92
CA ILE C 34 4.82 -15.82 -14.11
C ILE C 34 5.47 -14.46 -14.45
N TYR C 35 6.48 -14.09 -13.69
CA TYR C 35 7.17 -12.83 -13.86
C TYR C 35 8.66 -13.03 -13.92
N LYS C 36 9.33 -12.11 -14.59
CA LYS C 36 10.78 -12.06 -14.64
C LYS C 36 11.40 -11.76 -13.28
N THR C 37 10.79 -10.86 -12.52
CA THR C 37 11.33 -10.47 -11.23
C THR C 37 10.30 -10.47 -10.11
N GLN C 38 10.79 -10.75 -8.92
CA GLN C 38 10.00 -10.86 -7.72
C GLN C 38 9.31 -9.62 -7.17
N LYS C 39 9.98 -8.48 -7.14
CA LYS C 39 9.37 -7.33 -6.46
C LYS C 39 8.12 -6.79 -7.14
N ASN C 40 8.23 -6.47 -8.42
CA ASN C 40 7.07 -6.03 -9.18
C ASN C 40 6.88 -6.93 -10.38
N GLY C 41 7.93 -6.96 -11.19
CA GLY C 41 8.10 -7.96 -12.23
C GLY C 41 7.60 -7.51 -13.58
N GLN C 42 8.23 -8.00 -14.63
CA GLN C 42 7.70 -7.87 -15.96
C GLN C 42 6.92 -9.15 -16.17
N TRP C 43 5.60 -9.05 -16.31
CA TRP C 43 4.77 -10.23 -16.46
C TRP C 43 5.10 -10.97 -17.72
N VAL C 44 5.32 -12.28 -17.60
CA VAL C 44 5.62 -13.10 -18.77
C VAL C 44 4.41 -13.86 -19.31
N GLY C 45 3.74 -14.58 -18.43
CA GLY C 45 2.54 -15.29 -18.81
C GLY C 45 1.72 -15.68 -17.60
N THR C 46 0.45 -15.96 -17.85
CA THR C 46 -0.40 -16.51 -16.83
C THR C 46 -0.95 -17.83 -17.35
N VAL C 47 -0.71 -18.89 -16.63
CA VAL C 47 -1.26 -20.17 -17.00
C VAL C 47 -2.66 -20.29 -16.42
N LEU C 48 -3.63 -20.60 -17.25
CA LEU C 48 -4.98 -20.78 -16.78
C LEU C 48 -5.11 -22.21 -16.27
N LEU C 49 -5.00 -22.37 -14.96
CA LEU C 49 -4.92 -23.66 -14.30
C LEU C 49 -6.20 -24.46 -14.47
N ASN C 50 -7.28 -23.76 -14.75
CA ASN C 50 -8.61 -24.32 -14.89
C ASN C 50 -8.65 -25.37 -15.99
N ALA C 51 -7.95 -25.07 -17.08
CA ALA C 51 -7.98 -25.91 -18.26
C ALA C 51 -6.88 -26.94 -18.22
N CYS C 52 -6.25 -27.07 -17.07
CA CYS C 52 -5.06 -27.87 -16.96
C CYS C 52 -5.21 -29.12 -16.12
N GLU C 53 -4.32 -30.06 -16.39
CA GLU C 53 -4.13 -31.21 -15.56
C GLU C 53 -2.64 -31.23 -15.28
N ILE C 54 -2.23 -31.97 -14.26
CA ILE C 54 -0.83 -31.95 -13.90
C ILE C 54 -0.31 -33.35 -13.65
N ILE C 55 0.91 -33.60 -14.08
CA ILE C 55 1.55 -34.88 -13.85
C ILE C 55 3.00 -34.68 -13.45
N GLU C 56 3.43 -35.43 -12.45
CA GLU C 56 4.82 -35.46 -12.05
C GLU C 56 5.60 -36.08 -13.18
N ARG C 57 6.83 -35.67 -13.36
CA ARG C 57 7.61 -36.16 -14.47
C ARG C 57 8.64 -37.17 -14.00
N PRO C 58 9.10 -38.01 -14.91
CA PRO C 58 10.17 -38.94 -14.60
C PRO C 58 11.47 -38.19 -14.39
N SER C 59 11.96 -38.17 -13.15
CA SER C 59 13.16 -37.44 -12.80
C SER C 59 13.84 -38.12 -11.62
N PHE C 64 13.30 -33.00 -9.10
CA PHE C 64 11.85 -33.09 -9.15
C PHE C 64 11.28 -32.16 -10.22
N CYS C 65 10.59 -32.74 -11.20
CA CYS C 65 9.96 -31.95 -12.24
C CYS C 65 8.52 -32.38 -12.41
N PHE C 66 7.65 -31.45 -12.76
CA PHE C 66 6.26 -31.75 -13.06
C PHE C 66 5.77 -30.93 -14.26
N LYS C 67 4.72 -31.41 -14.90
CA LYS C 67 4.23 -30.77 -16.10
C LYS C 67 2.76 -30.36 -16.01
N LEU C 68 2.48 -29.13 -16.39
CA LEU C 68 1.12 -28.67 -16.48
C LEU C 68 0.76 -28.78 -17.96
N PHE C 69 -0.37 -29.38 -18.26
CA PHE C 69 -0.77 -29.53 -19.64
C PHE C 69 -2.26 -29.38 -19.85
N HIS C 70 -2.62 -29.03 -21.07
CA HIS C 70 -4.00 -29.01 -21.46
C HIS C 70 -4.34 -30.36 -22.03
N PRO C 71 -5.36 -30.98 -21.50
CA PRO C 71 -5.69 -32.36 -21.86
C PRO C 71 -6.01 -32.49 -23.34
N LEU C 72 -6.62 -31.47 -23.91
CA LEU C 72 -6.97 -31.45 -25.32
C LEU C 72 -5.96 -30.69 -26.16
N GLU C 73 -4.79 -30.41 -25.58
CA GLU C 73 -3.66 -29.81 -26.32
C GLU C 73 -3.93 -28.41 -26.86
N GLN C 74 -4.77 -27.65 -26.18
CA GLN C 74 -5.05 -26.27 -26.49
C GLN C 74 -4.22 -25.32 -25.63
N SER C 75 -4.34 -24.01 -25.87
CA SER C 75 -3.51 -23.04 -25.16
C SER C 75 -3.82 -23.04 -23.66
N ILE C 76 -2.78 -22.95 -22.85
CA ILE C 76 -2.93 -22.87 -21.41
C ILE C 76 -2.78 -21.45 -20.90
N TRP C 77 -2.65 -20.51 -21.82
CA TRP C 77 -2.25 -19.15 -21.49
C TRP C 77 -3.34 -18.13 -21.55
N ALA C 78 -3.34 -17.21 -20.60
CA ALA C 78 -4.25 -16.09 -20.61
C ALA C 78 -3.98 -15.17 -21.80
N VAL C 79 -5.05 -14.63 -22.35
CA VAL C 79 -4.97 -13.63 -23.41
C VAL C 79 -4.35 -12.34 -22.92
N LYS C 80 -4.70 -11.94 -21.71
CA LYS C 80 -4.23 -10.68 -21.16
C LYS C 80 -3.60 -10.83 -19.79
N GLY C 81 -2.74 -9.88 -19.48
CA GLY C 81 -2.02 -9.89 -18.20
C GLY C 81 -2.89 -9.48 -17.03
N PRO C 82 -2.40 -9.69 -15.83
CA PRO C 82 -3.17 -9.41 -14.62
C PRO C 82 -3.49 -7.94 -14.55
N LYS C 83 -2.61 -7.13 -15.08
CA LYS C 83 -2.77 -5.69 -15.11
C LYS C 83 -3.26 -5.17 -16.47
N GLY C 84 -3.87 -6.05 -17.25
CA GLY C 84 -4.43 -5.64 -18.54
C GLY C 84 -3.48 -5.69 -19.71
N GLU C 85 -2.30 -6.23 -19.46
CA GLU C 85 -1.21 -6.21 -20.42
C GLU C 85 -1.61 -6.96 -21.69
N ALA C 86 -1.33 -6.36 -22.83
CA ALA C 86 -1.61 -6.98 -24.13
C ALA C 86 -0.78 -8.22 -24.40
N VAL C 87 0.49 -8.17 -24.07
CA VAL C 87 1.36 -9.29 -24.33
C VAL C 87 2.42 -9.48 -23.25
N GLY C 88 2.87 -10.70 -23.12
CA GLY C 88 3.89 -11.04 -22.12
C GLY C 88 5.23 -10.48 -22.49
N SER C 89 6.05 -10.23 -21.47
CA SER C 89 7.41 -9.81 -21.69
C SER C 89 8.15 -10.98 -22.29
N ILE C 90 9.05 -10.70 -23.21
CA ILE C 90 9.74 -11.73 -23.96
C ILE C 90 10.64 -12.65 -23.13
N THR C 91 10.58 -13.94 -23.42
CA THR C 91 11.37 -14.93 -22.71
C THR C 91 11.74 -16.05 -23.68
N GLN C 92 12.48 -17.04 -23.21
CA GLN C 92 12.88 -18.13 -24.09
C GLN C 92 11.58 -18.78 -24.52
N PRO C 93 11.53 -19.34 -25.73
CA PRO C 93 10.25 -19.79 -26.28
C PRO C 93 9.62 -20.85 -25.41
N LEU C 94 8.32 -20.71 -25.14
CA LEU C 94 7.58 -21.60 -24.26
C LEU C 94 6.49 -22.32 -25.05
N PRO C 95 6.16 -23.55 -24.70
CA PRO C 95 5.10 -24.26 -25.43
C PRO C 95 3.72 -23.68 -25.20
N SER C 96 2.85 -23.80 -26.19
CA SER C 96 1.47 -23.35 -26.07
C SER C 96 0.58 -24.13 -25.09
N SER C 97 0.67 -25.45 -25.13
CA SER C 97 -0.29 -26.29 -24.42
C SER C 97 0.25 -27.08 -23.22
N TYR C 98 1.52 -26.89 -22.90
CA TYR C 98 2.07 -27.47 -21.69
C TYR C 98 3.24 -26.66 -21.17
N LEU C 99 3.51 -26.81 -19.89
CA LEU C 99 4.65 -26.19 -19.30
C LEU C 99 5.39 -27.21 -18.43
N ILE C 100 6.70 -27.28 -18.57
CA ILE C 100 7.49 -28.18 -17.75
C ILE C 100 8.27 -27.37 -16.71
N ILE C 101 8.10 -27.76 -15.44
CA ILE C 101 8.57 -26.98 -14.30
C ILE C 101 9.50 -27.76 -13.35
N ARG C 102 10.57 -27.12 -12.91
CA ARG C 102 11.50 -27.75 -11.99
C ARG C 102 11.58 -26.94 -10.71
N ALA C 103 11.49 -27.63 -9.59
CA ALA C 103 11.69 -27.01 -8.30
C ALA C 103 13.05 -27.43 -7.78
N THR C 104 13.70 -26.53 -7.07
CA THR C 104 15.06 -26.77 -6.59
C THR C 104 15.10 -27.97 -5.66
N SER C 105 14.04 -28.13 -4.89
CA SER C 105 14.00 -29.18 -3.89
C SER C 105 12.78 -30.04 -4.08
N GLU C 106 12.90 -31.31 -3.71
CA GLU C 106 11.78 -32.22 -3.80
C GLU C 106 10.70 -31.73 -2.87
N SER C 107 11.09 -31.27 -1.69
CA SER C 107 10.12 -30.76 -0.74
C SER C 107 9.43 -29.56 -1.35
N ASP C 108 10.20 -28.67 -1.94
CA ASP C 108 9.61 -27.51 -2.60
C ASP C 108 8.74 -27.96 -3.77
N GLY C 109 9.24 -28.90 -4.57
CA GLY C 109 8.50 -29.32 -5.75
C GLY C 109 7.16 -29.96 -5.45
N ARG C 110 7.15 -30.86 -4.49
CA ARG C 110 5.92 -31.53 -4.10
C ARG C 110 4.96 -30.51 -3.51
N CYS C 111 5.52 -29.54 -2.81
CA CYS C 111 4.71 -28.49 -2.21
C CYS C 111 4.01 -27.75 -3.32
N TRP C 112 4.77 -27.41 -4.35
CA TRP C 112 4.19 -26.73 -5.48
C TRP C 112 3.16 -27.58 -6.13
N MET C 113 3.50 -28.85 -6.36
CA MET C 113 2.59 -29.71 -7.08
C MET C 113 1.27 -29.92 -6.37
N ASP C 114 1.32 -30.22 -5.08
CA ASP C 114 0.07 -30.43 -4.36
C ASP C 114 -0.75 -29.18 -4.41
N ALA C 115 -0.10 -28.04 -4.19
CA ALA C 115 -0.80 -26.78 -4.17
C ALA C 115 -1.43 -26.52 -5.53
N LEU C 116 -0.72 -26.86 -6.60
CA LEU C 116 -1.27 -26.69 -7.92
C LEU C 116 -2.50 -27.55 -8.12
N GLU C 117 -2.49 -28.76 -7.58
CA GLU C 117 -3.62 -29.65 -7.80
C GLU C 117 -4.87 -29.01 -7.24
N LEU C 118 -4.74 -28.44 -6.06
CA LEU C 118 -5.86 -27.73 -5.44
C LEU C 118 -6.28 -26.54 -6.30
N ALA C 119 -5.29 -25.80 -6.78
CA ALA C 119 -5.54 -24.55 -7.50
C ALA C 119 -6.24 -24.81 -8.82
N LEU C 120 -6.08 -26.01 -9.34
CA LEU C 120 -6.65 -26.33 -10.63
C LEU C 120 -8.09 -25.89 -10.68
N LYS C 121 -8.89 -26.32 -9.70
CA LYS C 121 -10.32 -26.06 -9.73
C LYS C 121 -10.74 -24.80 -8.96
N SER C 122 -10.71 -23.66 -9.64
CA SER C 122 -11.11 -22.40 -9.02
C SER C 122 -11.17 -21.31 -10.07
N SER D 2 -8.92 34.40 29.23
CA SER D 2 -7.89 33.45 28.92
C SER D 2 -7.87 33.13 27.44
N SER D 3 -6.70 32.77 26.96
CA SER D 3 -6.44 32.46 25.58
C SER D 3 -7.21 31.25 25.09
N GLY D 4 -7.43 30.28 25.97
CA GLY D 4 -8.04 29.03 25.53
C GLY D 4 -7.04 28.02 25.02
N ILE D 5 -5.76 28.27 25.24
CA ILE D 5 -4.74 27.39 24.75
C ILE D 5 -4.62 26.17 25.65
N VAL D 6 -4.96 25.01 25.09
CA VAL D 6 -4.79 23.75 25.78
C VAL D 6 -3.33 23.35 25.96
N MET D 7 -2.54 23.56 24.92
CA MET D 7 -1.13 23.20 24.94
C MET D 7 -0.32 24.11 24.03
N ALA D 8 0.94 24.36 24.38
CA ALA D 8 1.89 24.98 23.46
C ALA D 8 3.32 24.48 23.68
N ASP D 9 3.97 23.99 22.64
CA ASP D 9 5.38 23.63 22.71
C ASP D 9 6.01 23.52 21.32
N TRP D 10 7.32 23.35 21.27
CA TRP D 10 8.01 23.05 20.04
C TRP D 10 7.68 21.67 19.59
N LEU D 11 7.47 21.50 18.30
CA LEU D 11 7.43 20.18 17.71
C LEU D 11 8.23 20.18 16.42
N LYS D 12 8.69 19.01 16.01
CA LYS D 12 9.40 18.90 14.77
C LYS D 12 8.44 18.38 13.73
N ILE D 13 8.34 19.08 12.62
CA ILE D 13 7.42 18.68 11.59
C ILE D 13 8.16 18.17 10.37
N ARG D 14 7.81 16.97 9.94
CA ARG D 14 8.52 16.38 8.82
C ARG D 14 7.93 17.01 7.59
N GLY D 15 8.75 17.76 6.88
CA GLY D 15 8.32 18.33 5.62
C GLY D 15 8.37 17.24 4.59
N THR D 16 7.88 17.54 3.40
CA THR D 16 7.98 16.59 2.30
C THR D 16 9.46 16.37 2.00
N LEU D 17 10.28 17.36 2.31
CA LEU D 17 11.72 17.31 2.05
C LEU D 17 12.53 16.76 3.23
N LYS D 18 11.83 16.24 4.23
CA LYS D 18 12.52 15.72 5.42
C LYS D 18 13.40 16.80 6.01
N SER D 19 12.86 18.01 6.06
CA SER D 19 13.41 19.04 6.89
C SER D 19 12.57 18.86 8.14
N TRP D 20 13.20 18.47 9.23
CA TRP D 20 12.45 18.29 10.46
C TRP D 20 12.44 19.58 11.18
N THR D 21 11.81 20.58 10.60
CA THR D 21 11.88 21.91 11.15
C THR D 21 11.23 21.95 12.52
N LYS D 22 11.88 22.63 13.45
CA LYS D 22 11.32 22.87 14.76
C LYS D 22 10.37 24.04 14.63
N LEU D 23 9.13 23.82 15.00
CA LEU D 23 8.14 24.86 14.91
C LEU D 23 7.34 24.95 16.20
N TRP D 24 6.84 26.13 16.48
CA TRP D 24 6.10 26.39 17.69
C TRP D 24 4.67 26.07 17.41
N CYS D 25 4.13 25.12 18.16
CA CYS D 25 2.77 24.67 17.95
C CYS D 25 1.83 24.98 19.13
N VAL D 26 0.70 25.57 18.82
CA VAL D 26 -0.28 25.96 19.82
C VAL D 26 -1.58 25.23 19.55
N LEU D 27 -2.09 24.53 20.53
CA LEU D 27 -3.32 23.78 20.38
C LEU D 27 -4.48 24.50 21.06
N LYS D 28 -5.52 24.76 20.29
CA LYS D 28 -6.76 25.31 20.79
C LYS D 28 -7.85 24.37 20.31
N PRO D 29 -9.02 24.41 20.90
CA PRO D 29 -9.99 23.40 20.50
C PRO D 29 -10.24 23.51 19.01
N GLY D 30 -10.09 22.40 18.31
CA GLY D 30 -10.39 22.35 16.88
C GLY D 30 -9.29 22.83 15.96
N VAL D 31 -8.23 23.41 16.49
CA VAL D 31 -7.14 23.85 15.63
C VAL D 31 -5.76 23.65 16.22
N LEU D 32 -4.81 23.29 15.36
CA LEU D 32 -3.44 23.31 15.75
C LEU D 32 -2.82 24.45 14.95
N LEU D 33 -2.36 25.47 15.65
CA LEU D 33 -1.77 26.65 15.05
C LEU D 33 -0.27 26.44 15.02
N ILE D 34 0.35 26.70 13.88
CA ILE D 34 1.78 26.49 13.76
C ILE D 34 2.51 27.79 13.42
N TYR D 35 3.51 28.13 14.23
CA TYR D 35 4.27 29.37 14.10
C TYR D 35 5.77 29.10 14.06
N LYS D 36 6.50 30.02 13.45
CA LYS D 36 7.97 29.98 13.44
C LYS D 36 8.59 30.23 14.82
N THR D 37 8.00 31.13 15.58
CA THR D 37 8.54 31.53 16.89
C THR D 37 7.51 31.56 18.01
N GLN D 38 8.04 31.58 19.23
CA GLN D 38 7.26 31.52 20.47
C GLN D 38 6.34 32.68 20.75
N LYS D 39 6.76 33.88 20.43
CA LYS D 39 5.97 35.04 20.79
C LYS D 39 5.55 35.86 19.58
N ASN D 40 4.24 36.00 19.38
CA ASN D 40 3.76 36.91 18.34
C ASN D 40 4.46 36.49 17.06
N GLY D 41 4.62 35.18 16.91
CA GLY D 41 5.38 34.61 15.79
C GLY D 41 4.63 34.65 14.48
N GLN D 42 5.34 34.41 13.38
CA GLN D 42 4.74 34.43 12.05
C GLN D 42 3.98 33.13 11.79
N TRP D 43 2.68 33.24 11.54
CA TRP D 43 1.86 32.09 11.32
C TRP D 43 2.27 31.34 10.08
N VAL D 44 2.46 30.03 10.20
CA VAL D 44 2.75 29.19 9.03
C VAL D 44 1.52 28.49 8.45
N GLY D 45 0.74 27.86 9.31
CA GLY D 45 -0.49 27.23 8.90
C GLY D 45 -1.33 26.84 10.10
N THR D 46 -2.60 26.59 9.88
CA THR D 46 -3.44 26.04 10.92
C THR D 46 -4.04 24.73 10.42
N VAL D 47 -3.89 23.67 11.19
CA VAL D 47 -4.51 22.42 10.85
C VAL D 47 -5.93 22.43 11.37
N LEU D 48 -6.89 22.11 10.52
CA LEU D 48 -8.27 22.02 10.94
C LEU D 48 -8.48 20.62 11.50
N LEU D 49 -8.44 20.52 12.82
CA LEU D 49 -8.48 19.25 13.53
C LEU D 49 -9.82 18.51 13.33
N ASN D 50 -10.85 19.26 13.02
CA ASN D 50 -12.20 18.71 12.81
C ASN D 50 -12.20 17.74 11.65
N ALA D 51 -11.39 18.05 10.66
CA ALA D 51 -11.30 17.30 9.44
C ALA D 51 -10.36 16.11 9.55
N CYS D 52 -9.76 15.93 10.72
CA CYS D 52 -8.64 15.04 10.88
C CYS D 52 -8.84 13.80 11.73
N GLU D 53 -7.96 12.84 11.52
CA GLU D 53 -7.79 11.68 12.36
C GLU D 53 -6.30 11.61 12.69
N ILE D 54 -5.95 10.85 13.71
CA ILE D 54 -4.58 10.80 14.16
C ILE D 54 -4.15 9.36 14.38
N ILE D 55 -2.90 9.07 14.08
CA ILE D 55 -2.37 7.74 14.30
C ILE D 55 -0.92 7.77 14.73
N GLU D 56 -0.56 6.90 15.66
CA GLU D 56 0.82 6.78 16.11
C GLU D 56 1.70 6.13 15.06
N ARG D 57 2.97 6.49 15.08
CA ARG D 57 3.94 5.89 14.19
C ARG D 57 5.13 5.41 14.99
N PRO D 58 5.90 4.50 14.40
CA PRO D 58 7.09 3.96 15.04
C PRO D 58 8.08 5.08 15.28
N SER D 59 8.75 5.04 16.43
CA SER D 59 9.62 6.12 16.82
C SER D 59 11.00 5.57 17.17
N LYS D 60 12.02 6.36 16.86
CA LYS D 60 13.40 5.94 17.03
C LYS D 60 13.76 5.73 18.49
N LYS D 61 13.44 6.70 19.34
CA LYS D 61 13.68 6.53 20.76
C LYS D 61 12.40 6.10 21.46
N GLY D 63 11.55 11.06 20.21
CA GLY D 63 11.39 9.63 20.32
C GLY D 63 10.00 9.17 19.94
N PHE D 64 9.06 10.11 19.89
CA PHE D 64 7.69 9.76 19.59
C PHE D 64 7.18 10.46 18.34
N CYS D 65 6.62 9.70 17.41
CA CYS D 65 6.18 10.26 16.15
C CYS D 65 4.72 9.90 15.88
N PHE D 66 3.96 10.84 15.34
CA PHE D 66 2.58 10.57 14.99
C PHE D 66 2.14 11.37 13.76
N LYS D 67 1.05 10.95 13.14
CA LYS D 67 0.57 11.57 11.93
C LYS D 67 -0.87 12.09 12.03
N LEU D 68 -1.07 13.35 11.66
CA LEU D 68 -2.38 13.93 11.55
C LEU D 68 -2.76 13.87 10.07
N PHE D 69 -3.91 13.31 9.77
CA PHE D 69 -4.31 13.12 8.38
C PHE D 69 -5.80 13.27 8.14
N HIS D 70 -6.16 13.59 6.90
CA HIS D 70 -7.52 13.59 6.47
C HIS D 70 -7.85 12.24 5.93
N PRO D 71 -8.87 11.60 6.46
CA PRO D 71 -9.22 10.24 6.06
C PRO D 71 -9.61 10.14 4.58
N LEU D 72 -10.13 11.22 4.01
CA LEU D 72 -10.51 11.28 2.61
C LEU D 72 -9.44 11.97 1.74
N GLU D 73 -8.24 12.14 2.29
CA GLU D 73 -7.08 12.68 1.54
C GLU D 73 -7.30 14.08 0.99
N GLN D 74 -8.10 14.86 1.70
CA GLN D 74 -8.34 16.24 1.36
C GLN D 74 -7.48 17.16 2.21
N SER D 75 -7.55 18.46 1.97
CA SER D 75 -6.72 19.43 2.65
C SER D 75 -7.02 19.51 4.14
N ILE D 76 -5.97 19.61 4.96
CA ILE D 76 -6.12 19.75 6.41
C ILE D 76 -5.94 21.17 6.89
N TRP D 77 -5.75 22.10 5.95
CA TRP D 77 -5.29 23.44 6.26
C TRP D 77 -6.35 24.51 6.18
N ALA D 78 -6.34 25.42 7.14
CA ALA D 78 -7.20 26.58 7.09
C ALA D 78 -6.73 27.46 5.95
N VAL D 79 -7.67 28.07 5.26
CA VAL D 79 -7.34 29.09 4.26
C VAL D 79 -6.82 30.37 4.90
N LYS D 80 -7.38 30.68 6.06
CA LYS D 80 -7.24 31.97 6.68
C LYS D 80 -6.48 31.89 8.00
N GLY D 81 -5.65 32.90 8.27
CA GLY D 81 -4.85 32.97 9.49
C GLY D 81 -5.63 33.30 10.75
N PRO D 82 -5.01 33.03 11.89
CA PRO D 82 -5.63 33.28 13.20
C PRO D 82 -5.91 34.75 13.38
N LYS D 83 -5.02 35.55 12.83
CA LYS D 83 -5.15 36.99 12.84
C LYS D 83 -5.82 37.47 11.56
N GLY D 84 -6.34 36.53 10.78
CA GLY D 84 -6.93 36.86 9.49
C GLY D 84 -5.94 36.96 8.35
N GLU D 85 -4.74 36.44 8.53
CA GLU D 85 -3.73 36.52 7.48
C GLU D 85 -4.29 35.86 6.23
N ALA D 86 -4.11 36.53 5.10
CA ALA D 86 -4.49 35.98 3.80
C ALA D 86 -3.69 34.73 3.49
N VAL D 87 -2.41 34.74 3.81
CA VAL D 87 -1.56 33.59 3.52
C VAL D 87 -0.55 33.30 4.62
N GLY D 88 -0.20 32.03 4.76
CA GLY D 88 0.78 31.60 5.75
C GLY D 88 2.18 31.99 5.36
N SER D 89 3.02 32.21 6.37
CA SER D 89 4.44 32.48 6.16
C SER D 89 5.17 31.26 5.64
N ILE D 90 6.16 31.54 4.80
CA ILE D 90 6.85 30.53 4.04
C ILE D 90 7.69 29.57 4.90
N THR D 91 7.60 28.29 4.60
CA THR D 91 8.42 27.27 5.22
C THR D 91 8.69 26.19 4.21
N GLN D 92 9.44 25.20 4.64
CA GLN D 92 9.80 24.10 3.79
C GLN D 92 8.50 23.36 3.45
N PRO D 93 8.40 22.84 2.23
CA PRO D 93 7.10 22.43 1.70
C PRO D 93 6.45 21.35 2.54
N LEU D 94 5.17 21.51 2.83
CA LEU D 94 4.45 20.54 3.64
C LEU D 94 3.32 19.87 2.84
N PRO D 95 2.91 18.66 3.23
CA PRO D 95 1.84 17.97 2.51
C PRO D 95 0.49 18.67 2.67
N SER D 96 -0.37 18.54 1.68
CA SER D 96 -1.73 19.04 1.77
C SER D 96 -2.64 18.32 2.78
N SER D 97 -2.57 17.00 2.81
CA SER D 97 -3.57 16.18 3.50
C SER D 97 -3.09 15.38 4.73
N TYR D 98 -1.85 15.57 5.14
CA TYR D 98 -1.33 14.96 6.37
C TYR D 98 -0.13 15.74 6.91
N LEU D 99 0.18 15.53 8.17
CA LEU D 99 1.41 16.03 8.76
C LEU D 99 2.04 14.95 9.60
N ILE D 100 3.35 14.81 9.51
CA ILE D 100 4.07 13.85 10.33
C ILE D 100 4.83 14.63 11.38
N ILE D 101 4.59 14.30 12.64
CA ILE D 101 5.08 15.12 13.74
C ILE D 101 5.89 14.33 14.76
N ARG D 102 7.02 14.88 15.17
CA ARG D 102 7.89 14.24 16.14
C ARG D 102 8.06 15.08 17.41
N ALA D 103 7.95 14.43 18.55
CA ALA D 103 8.17 15.10 19.82
C ALA D 103 9.36 14.47 20.50
N THR D 104 9.94 15.22 21.42
CA THR D 104 11.20 14.86 22.05
C THR D 104 11.09 13.59 22.86
N SER D 105 9.97 13.36 23.49
CA SER D 105 9.86 12.26 24.43
C SER D 105 8.55 11.51 24.31
N GLU D 106 8.55 10.29 24.81
CA GLU D 106 7.36 9.46 24.79
C GLU D 106 6.25 10.11 25.57
N SER D 107 6.57 10.64 26.74
CA SER D 107 5.58 11.32 27.55
C SER D 107 5.02 12.59 26.91
N ASP D 108 5.88 13.41 26.31
CA ASP D 108 5.42 14.60 25.62
C ASP D 108 4.52 14.17 24.46
N GLY D 109 4.94 13.15 23.73
CA GLY D 109 4.19 12.70 22.57
C GLY D 109 2.82 12.16 22.91
N ARG D 110 2.75 11.36 23.96
CA ARG D 110 1.47 10.82 24.42
C ARG D 110 0.56 11.95 24.88
N CYS D 111 1.12 12.96 25.53
CA CYS D 111 0.34 14.13 25.94
C CYS D 111 -0.23 14.85 24.74
N TRP D 112 0.60 15.07 23.74
CA TRP D 112 0.14 15.73 22.54
C TRP D 112 -0.94 14.94 21.89
N MET D 113 -0.70 13.65 21.78
CA MET D 113 -1.65 12.81 21.06
C MET D 113 -2.98 12.75 21.78
N ASP D 114 -2.97 12.54 23.08
CA ASP D 114 -4.22 12.45 23.82
C ASP D 114 -4.99 13.77 23.71
N ALA D 115 -4.30 14.89 23.86
CA ALA D 115 -4.92 16.20 23.73
C ALA D 115 -5.44 16.46 22.31
N LEU D 116 -4.69 16.05 21.32
CA LEU D 116 -5.11 16.23 19.94
C LEU D 116 -6.40 15.47 19.70
N GLU D 117 -6.47 14.25 20.20
CA GLU D 117 -7.65 13.42 19.96
C GLU D 117 -8.89 14.09 20.54
N LEU D 118 -8.76 14.61 21.75
CA LEU D 118 -9.84 15.37 22.38
C LEU D 118 -10.17 16.63 21.59
N ALA D 119 -9.15 17.29 21.07
CA ALA D 119 -9.30 18.56 20.39
C ALA D 119 -10.02 18.46 19.04
N LEU D 120 -10.01 17.30 18.45
CA LEU D 120 -10.49 17.13 17.09
C LEU D 120 -11.95 17.50 17.01
N LYS D 121 -12.71 17.11 18.03
CA LYS D 121 -14.15 17.22 17.99
C LYS D 121 -14.64 18.61 18.32
N SER D 122 -13.84 19.33 19.09
CA SER D 122 -14.25 20.64 19.56
C SER D 122 -14.20 21.63 18.42
N GLY D 123 -14.68 22.84 18.67
CA GLY D 123 -14.75 23.85 17.63
C GLY D 123 -14.71 25.25 18.21
#